data_6B74
#
_entry.id   6B74
#
_cell.length_a   80.289
_cell.length_b   80.289
_cell.length_c   121.731
_cell.angle_alpha   90.00
_cell.angle_beta   90.00
_cell.angle_gamma   90.00
#
_symmetry.space_group_name_H-M   'I 41'
#
loop_
_entity.id
_entity.type
_entity.pdbx_description
1 polymer 'Coagulation factor XII'
2 polymer 'Coagulation factor XII'
3 branched 2-acetamido-2-deoxy-beta-D-glucopyranose-(1-4)-2-acetamido-2-deoxy-beta-D-glucopyranose
4 non-polymer BENZAMIDINE
5 non-polymer 'IODIDE ION'
6 non-polymer 'SULFATE ION'
7 non-polymer GLYCEROL
8 water water
#
loop_
_entity_poly.entity_id
_entity_poly.type
_entity_poly.pdbx_seq_one_letter_code
_entity_poly.pdbx_strand_id
1 'polypeptide(L)' NGPLSCGQR A
2 'polypeptide(L)'
;VVGGLVALRGAHPYIAALYWGHSFCAGSLIAPCWVLTAAHCLQDRPAPEDLTVVLGQERRNHSCEPCQTLAVRSYRLHEA
FSPVSYQHDLALLRLQEDADGSCALLSPYVQPVCLPSGAARPSETTLCQVAGWGHQFEGAEEYASFLQEAQVPFLSLERC
SAPDVHGSSILPGMLCAGFLEGGTDACQGDSGGPLVCEDQAAERRLTLQGIISWGSGCGDRNKPGVYTDVAYYLAWIREH
TVS
;
B
#
loop_
_chem_comp.id
_chem_comp.type
_chem_comp.name
_chem_comp.formula
BEN non-polymer BENZAMIDINE 'C7 H8 N2'
GOL non-polymer GLYCEROL 'C3 H8 O3'
IOD non-polymer 'IODIDE ION' 'I -1'
NAG D-saccharide, beta linking 2-acetamido-2-deoxy-beta-D-glucopyranose 'C8 H15 N O6'
SO4 non-polymer 'SULFATE ION' 'O4 S -2'
#
# COMPACT_ATOMS: atom_id res chain seq x y z
N ASN A 1 -0.83 -5.26 -29.15
CA ASN A 1 -1.12 -4.91 -27.77
C ASN A 1 -0.23 -5.68 -26.81
N GLY A 2 -0.84 -6.50 -25.97
CA GLY A 2 -0.11 -7.28 -24.99
C GLY A 2 0.24 -6.48 -23.75
N PRO A 3 0.93 -7.11 -22.79
CA PRO A 3 1.30 -6.46 -21.54
C PRO A 3 2.42 -5.44 -21.75
N LEU A 4 2.45 -4.41 -20.91
CA LEU A 4 3.50 -3.41 -21.01
C LEU A 4 4.55 -3.65 -19.94
N SER A 5 5.81 -3.60 -20.34
CA SER A 5 6.92 -3.91 -19.44
C SER A 5 6.97 -2.96 -18.24
N CYS A 6 7.33 -3.51 -17.08
CA CYS A 6 7.52 -2.70 -15.89
C CYS A 6 8.97 -2.21 -15.84
N GLY A 7 9.77 -2.67 -16.80
CA GLY A 7 11.18 -2.35 -16.83
C GLY A 7 11.49 -0.90 -17.15
N GLN A 8 12.60 -0.40 -16.62
CA GLN A 8 13.01 0.98 -16.82
C GLN A 8 13.34 1.27 -18.28
N ARG A 9 12.96 2.46 -18.73
CA ARG A 9 13.20 2.87 -20.11
C ARG A 9 14.33 3.90 -20.18
N VAL B 1 -8.02 8.60 4.01
CA VAL B 1 -7.17 9.63 3.43
C VAL B 1 -7.74 11.02 3.66
N VAL B 2 -6.90 11.93 4.15
CA VAL B 2 -7.31 13.31 4.36
C VAL B 2 -6.80 14.20 3.23
N GLY B 3 -7.60 15.18 2.85
CA GLY B 3 -7.20 16.12 1.82
C GLY B 3 -7.16 15.46 0.46
N GLY B 4 -7.93 14.41 0.29
CA GLY B 4 -8.00 13.70 -0.97
C GLY B 4 -9.41 13.66 -1.54
N LEU B 5 -9.53 13.26 -2.80
CA LEU B 5 -10.83 13.15 -3.44
C LEU B 5 -11.13 11.72 -3.87
N VAL B 6 -12.36 11.48 -4.28
CA VAL B 6 -12.78 10.17 -4.72
C VAL B 6 -12.01 9.78 -5.97
N ALA B 7 -11.67 8.52 -6.05
CA ALA B 7 -10.89 8.02 -7.16
C ALA B 7 -11.80 7.36 -8.15
N LEU B 8 -11.53 7.57 -9.42
CA LEU B 8 -12.33 7.01 -10.49
C LEU B 8 -12.16 5.52 -10.51
N ARG B 9 -13.12 4.83 -11.12
CA ARG B 9 -13.21 3.39 -11.05
C ARG B 9 -11.99 2.70 -11.63
N GLY B 10 -11.46 3.23 -12.73
CA GLY B 10 -10.31 2.64 -13.38
C GLY B 10 -8.95 3.09 -12.88
N ALA B 11 -8.94 4.04 -11.95
CA ALA B 11 -7.71 4.65 -11.45
C ALA B 11 -6.75 3.74 -10.69
N HIS B 12 -7.29 2.76 -9.99
CA HIS B 12 -6.54 1.96 -9.04
C HIS B 12 -6.77 0.48 -9.19
N PRO B 13 -6.26 -0.12 -10.25
CA PRO B 13 -6.56 -1.53 -10.48
C PRO B 13 -5.79 -2.43 -9.56
N TYR B 14 -4.73 -1.95 -8.96
CA TYR B 14 -3.85 -2.77 -8.15
C TYR B 14 -4.23 -2.84 -6.70
N ILE B 15 -5.11 -1.97 -6.25
CA ILE B 15 -5.43 -1.94 -4.83
C ILE B 15 -6.27 -3.15 -4.43
N ALA B 16 -5.94 -3.70 -3.26
CA ALA B 16 -6.62 -4.88 -2.74
C ALA B 16 -7.29 -4.55 -1.42
N ALA B 17 -8.46 -5.14 -1.19
CA ALA B 17 -9.15 -4.97 0.07
C ALA B 17 -9.17 -6.28 0.85
N LEU B 18 -8.75 -6.22 2.10
CA LEU B 18 -8.63 -7.42 2.92
C LEU B 18 -9.66 -7.42 4.05
N TYR B 19 -10.48 -8.47 4.10
CA TYR B 19 -11.52 -8.59 5.11
C TYR B 19 -11.36 -9.86 5.94
N TRP B 20 -11.49 -9.74 7.25
CA TRP B 20 -11.51 -10.90 8.14
C TRP B 20 -12.14 -10.52 9.47
N GLY B 21 -13.18 -11.26 9.85
CA GLY B 21 -13.89 -11.01 11.08
C GLY B 21 -14.42 -9.59 11.20
N HIS B 22 -13.84 -8.82 12.11
CA HIS B 22 -14.27 -7.45 12.37
C HIS B 22 -13.24 -6.44 11.89
N SER B 23 -12.18 -6.92 11.24
CA SER B 23 -11.07 -6.07 10.86
C SER B 23 -11.03 -5.80 9.36
N PHE B 24 -10.26 -4.79 8.98
CA PHE B 24 -10.10 -4.42 7.58
C PHE B 24 -8.70 -3.87 7.32
N CYS B 25 -8.15 -4.20 6.15
CA CYS B 25 -6.86 -3.68 5.71
C CYS B 25 -6.82 -3.58 4.19
N ALA B 26 -5.95 -2.71 3.68
CA ALA B 26 -5.75 -2.61 2.24
C ALA B 26 -4.46 -3.30 1.85
N GLY B 27 -4.24 -3.44 0.54
CA GLY B 27 -3.04 -4.09 0.04
C GLY B 27 -2.82 -3.78 -1.42
N SER B 28 -1.69 -4.23 -1.95
CA SER B 28 -1.37 -3.99 -3.35
C SER B 28 -1.07 -5.29 -4.08
N LEU B 29 -1.75 -5.48 -5.21
CA LEU B 29 -1.47 -6.61 -6.08
C LEU B 29 -0.15 -6.35 -6.82
N ILE B 30 0.88 -7.10 -6.47
CA ILE B 30 2.20 -6.92 -7.10
C ILE B 30 2.44 -8.01 -8.13
N ALA B 31 1.61 -9.03 -8.08
CA ALA B 31 1.65 -10.14 -9.02
C ALA B 31 0.29 -10.84 -8.97
N PRO B 32 -0.12 -11.48 -10.08
CA PRO B 32 -1.43 -12.13 -10.17
C PRO B 32 -1.79 -13.02 -8.97
N CYS B 33 -0.80 -13.61 -8.30
CA CYS B 33 -1.07 -14.47 -7.15
C CYS B 33 -0.53 -13.90 -5.84
N TRP B 34 -0.10 -12.64 -5.85
CA TRP B 34 0.54 -12.07 -4.68
C TRP B 34 0.05 -10.67 -4.31
N VAL B 35 -0.31 -10.50 -3.05
CA VAL B 35 -0.71 -9.21 -2.51
C VAL B 35 0.30 -8.74 -1.46
N LEU B 36 0.72 -7.49 -1.56
CA LEU B 36 1.64 -6.91 -0.60
C LEU B 36 0.90 -5.95 0.32
N THR B 37 0.95 -6.21 1.62
CA THR B 37 0.27 -5.38 2.60
C THR B 37 1.18 -5.06 3.79
N ALA B 38 0.61 -4.45 4.81
CA ALA B 38 1.36 -4.12 6.03
C ALA B 38 1.31 -5.27 7.02
N ALA B 39 2.43 -5.53 7.67
CA ALA B 39 2.54 -6.64 8.61
C ALA B 39 1.71 -6.41 9.88
N HIS B 40 1.62 -5.14 10.31
CA HIS B 40 0.94 -4.83 11.56
C HIS B 40 -0.57 -5.02 11.45
N CYS B 41 -1.07 -5.15 10.22
CA CYS B 41 -2.47 -5.46 10.00
C CYS B 41 -2.78 -6.89 10.41
N LEU B 42 -1.76 -7.74 10.31
CA LEU B 42 -1.86 -9.16 10.58
C LEU B 42 -1.08 -9.60 11.81
N GLN B 43 -0.69 -8.66 12.65
CA GLN B 43 0.13 -9.01 13.80
C GLN B 43 -0.63 -9.95 14.74
N ASP B 44 -1.94 -9.93 14.64
CA ASP B 44 -2.77 -10.83 15.42
C ASP B 44 -2.73 -12.26 14.88
N ARG B 45 -2.16 -12.42 13.70
CA ARG B 45 -1.98 -13.74 13.12
C ARG B 45 -3.27 -14.54 12.96
N PRO B 46 -4.28 -13.91 12.38
CA PRO B 46 -5.54 -14.58 12.06
C PRO B 46 -5.32 -15.68 11.03
N ALA B 47 -6.13 -16.72 11.10
CA ALA B 47 -6.04 -17.85 10.17
C ALA B 47 -6.36 -17.43 8.75
N PRO B 48 -5.68 -18.03 7.79
CA PRO B 48 -5.81 -17.70 6.38
C PRO B 48 -7.23 -17.95 5.87
N GLU B 49 -7.86 -19.01 6.37
CA GLU B 49 -9.20 -19.37 5.93
C GLU B 49 -10.16 -18.24 6.23
N ASP B 50 -9.96 -17.58 7.35
CA ASP B 50 -10.77 -16.43 7.72
C ASP B 50 -10.63 -15.28 6.74
N LEU B 51 -9.43 -15.10 6.21
CA LEU B 51 -9.11 -13.98 5.33
C LEU B 51 -9.86 -13.97 4.01
N THR B 52 -10.30 -12.79 3.61
CA THR B 52 -10.89 -12.60 2.29
C THR B 52 -10.24 -11.41 1.58
N VAL B 53 -9.81 -11.63 0.34
CA VAL B 53 -9.26 -10.56 -0.49
C VAL B 53 -10.22 -10.22 -1.62
N VAL B 54 -10.52 -8.93 -1.78
CA VAL B 54 -11.38 -8.47 -2.85
C VAL B 54 -10.62 -7.51 -3.77
N LEU B 55 -10.58 -7.84 -5.05
CA LEU B 55 -9.88 -7.03 -6.03
C LEU B 55 -10.86 -6.28 -6.94
N GLY B 56 -10.44 -5.14 -7.45
CA GLY B 56 -11.27 -4.35 -8.35
C GLY B 56 -12.45 -3.70 -7.65
N GLN B 57 -12.31 -3.50 -6.35
CA GLN B 57 -13.38 -2.91 -5.54
C GLN B 57 -13.26 -1.38 -5.52
N GLU B 58 -14.40 -0.71 -5.55
CA GLU B 58 -14.43 0.74 -5.47
C GLU B 58 -15.04 1.21 -4.16
N ARG B 59 -16.19 0.63 -3.80
CA ARG B 59 -16.85 0.94 -2.54
C ARG B 59 -16.48 -0.08 -1.48
N ARG B 60 -16.08 0.38 -0.30
CA ARG B 60 -15.66 -0.56 0.73
C ARG B 60 -16.81 -1.48 1.16
N ASN B 61 -16.54 -2.77 1.17
CA ASN B 61 -17.51 -3.78 1.58
C ASN B 61 -18.80 -3.74 0.79
N HIS B 62 -18.70 -3.46 -0.50
CA HIS B 62 -19.82 -3.50 -1.39
C HIS B 62 -19.52 -4.41 -2.53
N SER B 63 -20.43 -5.32 -2.83
CA SER B 63 -20.26 -6.18 -3.99
C SER B 63 -20.39 -5.34 -5.24
N CYS B 64 -19.56 -5.61 -6.24
CA CYS B 64 -19.64 -4.87 -7.48
C CYS B 64 -19.37 -5.78 -8.69
N GLU B 65 -19.44 -5.21 -9.89
CA GLU B 65 -19.49 -6.02 -11.10
C GLU B 65 -18.11 -6.51 -11.60
N PRO B 66 -17.04 -5.68 -11.49
CA PRO B 66 -15.73 -6.29 -11.74
C PRO B 66 -15.04 -6.78 -10.47
N CYS B 67 -15.74 -6.71 -9.33
CA CYS B 67 -15.19 -7.20 -8.08
C CYS B 67 -14.87 -8.69 -8.14
N GLN B 68 -13.67 -9.05 -7.71
CA GLN B 68 -13.29 -10.44 -7.60
C GLN B 68 -12.89 -10.78 -6.17
N THR B 69 -13.55 -11.78 -5.60
CA THR B 69 -13.28 -12.21 -4.23
C THR B 69 -12.43 -13.46 -4.23
N LEU B 70 -11.35 -13.44 -3.44
CA LEU B 70 -10.45 -14.58 -3.39
C LEU B 70 -10.14 -15.01 -1.95
N ALA B 71 -9.79 -16.27 -1.79
CA ALA B 71 -9.34 -16.78 -0.51
C ALA B 71 -7.82 -16.63 -0.42
N VAL B 72 -7.28 -16.68 0.79
CA VAL B 72 -5.85 -16.57 0.99
C VAL B 72 -5.25 -17.92 1.35
N ARG B 73 -4.39 -18.44 0.47
CA ARG B 73 -3.74 -19.72 0.68
C ARG B 73 -2.82 -19.69 1.89
N SER B 74 -1.94 -18.70 1.91
CA SER B 74 -1.02 -18.49 3.02
C SER B 74 -0.48 -17.07 3.02
N TYR B 75 0.03 -16.62 4.16
CA TYR B 75 0.63 -15.30 4.24
C TYR B 75 1.88 -15.30 5.11
N ARG B 76 2.80 -14.39 4.80
CA ARG B 76 4.06 -14.30 5.52
C ARG B 76 4.37 -12.87 5.97
N LEU B 77 4.47 -12.69 7.29
CA LEU B 77 4.94 -11.43 7.83
C LEU B 77 6.47 -11.41 7.78
N HIS B 78 7.05 -10.22 7.73
CA HIS B 78 8.51 -10.11 7.73
C HIS B 78 9.05 -10.65 9.05
N GLU B 79 10.17 -11.38 8.98
CA GLU B 79 10.72 -12.06 10.14
C GLU B 79 11.17 -11.07 11.22
N ALA B 80 11.54 -9.87 10.80
CA ALA B 80 12.09 -8.88 11.71
C ALA B 80 11.09 -7.78 12.07
N PHE B 81 9.82 -8.02 11.76
CA PHE B 81 8.78 -7.04 12.06
C PHE B 81 8.64 -6.82 13.56
N SER B 82 8.56 -5.55 13.95
CA SER B 82 8.35 -5.19 15.35
C SER B 82 7.00 -4.49 15.52
N PRO B 83 6.12 -5.04 16.35
CA PRO B 83 4.82 -4.43 16.63
C PRO B 83 4.94 -3.15 17.47
N VAL B 84 6.16 -2.83 17.90
CA VAL B 84 6.40 -1.66 18.72
C VAL B 84 6.92 -0.48 17.90
N SER B 85 7.91 -0.73 17.05
CA SER B 85 8.51 0.31 16.23
C SER B 85 7.90 0.35 14.83
N TYR B 86 7.23 -0.73 14.46
CA TYR B 86 6.62 -0.89 13.15
C TYR B 86 7.68 -0.96 12.07
N GLN B 87 8.89 -1.31 12.44
CA GLN B 87 9.95 -1.50 11.47
C GLN B 87 9.68 -2.77 10.67
N HIS B 88 10.09 -2.78 9.42
CA HIS B 88 9.85 -3.92 8.58
C HIS B 88 8.40 -4.26 8.50
N ASP B 89 7.57 -3.24 8.31
CA ASP B 89 6.13 -3.40 8.32
C ASP B 89 5.59 -3.78 6.95
N LEU B 90 5.82 -5.03 6.56
CA LEU B 90 5.30 -5.52 5.29
C LEU B 90 4.98 -7.01 5.38
N ALA B 91 4.01 -7.45 4.59
CA ALA B 91 3.60 -8.85 4.58
C ALA B 91 3.15 -9.27 3.20
N LEU B 92 3.39 -10.53 2.86
CA LEU B 92 2.98 -11.08 1.58
C LEU B 92 1.75 -11.97 1.76
N LEU B 93 0.76 -11.79 0.90
CA LEU B 93 -0.40 -12.68 0.89
C LEU B 93 -0.40 -13.52 -0.37
N ARG B 94 -0.34 -14.84 -0.22
CA ARG B 94 -0.46 -15.72 -1.38
C ARG B 94 -1.91 -16.08 -1.61
N LEU B 95 -2.45 -15.60 -2.72
CA LEU B 95 -3.85 -15.84 -3.07
C LEU B 95 -4.09 -17.30 -3.45
N GLN B 96 -5.30 -17.77 -3.23
CA GLN B 96 -5.66 -19.15 -3.56
C GLN B 96 -6.07 -19.27 -5.02
N GLU B 97 -5.31 -20.06 -5.78
CA GLU B 97 -5.61 -20.29 -7.19
C GLU B 97 -6.84 -21.20 -7.33
N ASP B 98 -7.58 -21.02 -8.42
CA ASP B 98 -8.78 -21.84 -8.65
C ASP B 98 -8.43 -23.15 -9.35
N ALA B 99 -9.44 -23.81 -9.89
CA ALA B 99 -9.26 -25.09 -10.57
C ALA B 99 -8.43 -24.93 -11.84
N ASP B 100 -8.51 -23.76 -12.47
CA ASP B 100 -7.76 -23.48 -13.68
C ASP B 100 -6.32 -23.09 -13.39
N GLY B 101 -6.01 -22.94 -12.10
CA GLY B 101 -4.67 -22.55 -11.69
C GLY B 101 -4.47 -21.05 -11.73
N SER B 102 -5.57 -20.32 -11.86
CA SER B 102 -5.51 -18.86 -11.88
C SER B 102 -5.85 -18.28 -10.53
N CYS B 103 -5.17 -17.20 -10.16
CA CYS B 103 -5.51 -16.45 -8.95
C CYS B 103 -6.35 -15.25 -9.34
N ALA B 104 -5.72 -14.09 -9.43
CA ALA B 104 -6.41 -12.88 -9.88
C ALA B 104 -6.75 -12.99 -11.35
N LEU B 105 -8.00 -12.72 -11.70
CA LEU B 105 -8.43 -12.71 -13.08
C LEU B 105 -8.31 -11.30 -13.63
N LEU B 106 -7.22 -11.05 -14.36
CA LEU B 106 -6.86 -9.69 -14.75
C LEU B 106 -7.85 -9.06 -15.73
N SER B 107 -8.11 -7.78 -15.51
CA SER B 107 -9.06 -7.00 -16.29
C SER B 107 -8.61 -5.54 -16.19
N PRO B 108 -9.27 -4.62 -16.94
CA PRO B 108 -8.89 -3.21 -16.77
C PRO B 108 -9.09 -2.66 -15.35
N TYR B 109 -9.80 -3.41 -14.50
CA TYR B 109 -10.05 -2.98 -13.13
C TYR B 109 -9.25 -3.80 -12.12
N VAL B 110 -8.62 -4.86 -12.59
CA VAL B 110 -7.75 -5.68 -11.75
C VAL B 110 -6.42 -5.96 -12.45
N GLN B 111 -5.38 -5.24 -12.05
CA GLN B 111 -4.06 -5.39 -12.63
C GLN B 111 -2.97 -5.20 -11.58
N PRO B 112 -1.87 -5.97 -11.68
CA PRO B 112 -0.77 -5.81 -10.75
C PRO B 112 -0.03 -4.48 -10.93
N VAL B 113 0.52 -3.94 -9.85
CA VAL B 113 1.31 -2.71 -9.93
C VAL B 113 2.79 -3.07 -10.06
N CYS B 114 3.51 -2.28 -10.85
CA CYS B 114 4.94 -2.50 -11.03
C CYS B 114 5.72 -2.25 -9.74
N LEU B 115 6.64 -3.15 -9.44
CA LEU B 115 7.53 -2.99 -8.30
C LEU B 115 8.56 -1.90 -8.61
N PRO B 116 9.12 -1.25 -7.57
CA PRO B 116 10.03 -0.12 -7.80
C PRO B 116 11.43 -0.55 -8.22
N SER B 117 12.17 0.37 -8.84
CA SER B 117 13.54 0.10 -9.22
C SER B 117 14.45 0.00 -8.00
N GLY B 118 14.43 1.04 -7.18
CA GLY B 118 15.23 1.07 -5.97
C GLY B 118 16.62 1.62 -6.19
N ALA B 119 17.23 1.24 -7.30
CA ALA B 119 18.59 1.69 -7.64
C ALA B 119 18.62 3.19 -7.89
N ALA B 120 17.48 3.75 -8.25
CA ALA B 120 17.36 5.19 -8.50
C ALA B 120 17.45 5.98 -7.20
N ARG B 121 18.02 7.17 -7.27
CA ARG B 121 18.14 8.04 -6.11
C ARG B 121 16.99 9.05 -6.08
N PRO B 122 16.03 8.86 -5.16
CA PRO B 122 14.83 9.69 -5.09
C PRO B 122 15.03 11.01 -4.35
N SER B 123 14.84 12.11 -5.08
CA SER B 123 14.83 13.44 -4.53
C SER B 123 13.45 13.71 -3.91
N GLU B 124 13.36 14.80 -3.17
CA GLU B 124 12.10 15.23 -2.59
C GLU B 124 11.16 15.55 -3.75
N THR B 125 11.77 15.65 -4.92
CA THR B 125 11.10 16.05 -6.14
C THR B 125 9.97 15.08 -6.47
N THR B 126 10.18 13.81 -6.17
CA THR B 126 9.24 12.79 -6.55
C THR B 126 7.85 13.06 -6.00
N LEU B 127 6.86 12.97 -6.89
CA LEU B 127 5.45 13.08 -6.51
C LEU B 127 4.81 11.71 -6.42
N CYS B 128 3.90 11.53 -5.47
CA CYS B 128 3.29 10.24 -5.23
C CYS B 128 1.78 10.32 -5.13
N GLN B 129 1.12 9.17 -5.23
CA GLN B 129 -0.30 9.08 -4.94
C GLN B 129 -0.55 8.07 -3.83
N VAL B 130 -1.36 8.45 -2.86
CA VAL B 130 -1.74 7.56 -1.77
C VAL B 130 -3.25 7.32 -1.83
N ALA B 131 -3.65 6.09 -1.58
CA ALA B 131 -5.07 5.72 -1.69
C ALA B 131 -5.52 4.85 -0.52
N GLY B 132 -6.81 4.93 -0.18
CA GLY B 132 -7.34 4.14 0.91
C GLY B 132 -8.79 4.44 1.24
N TRP B 133 -9.39 3.57 2.05
CA TRP B 133 -10.76 3.74 2.50
C TRP B 133 -10.83 4.23 3.95
N GLY B 134 -9.69 4.70 4.46
CA GLY B 134 -9.61 5.11 5.86
C GLY B 134 -10.34 6.40 6.18
N HIS B 135 -10.15 6.88 7.40
CA HIS B 135 -10.75 8.14 7.85
C HIS B 135 -10.35 9.30 6.94
N GLN B 136 -11.28 10.22 6.74
CA GLN B 136 -11.00 11.44 6.00
C GLN B 136 -10.52 12.56 6.90
N PHE B 137 -10.63 12.35 8.20
CA PHE B 137 -10.09 13.25 9.21
C PHE B 137 -9.87 12.48 10.50
N GLU B 138 -9.08 13.04 11.40
CA GLU B 138 -8.67 12.32 12.61
C GLU B 138 -9.87 11.93 13.46
N GLY B 139 -10.85 12.81 13.54
CA GLY B 139 -12.01 12.60 14.38
C GLY B 139 -13.11 11.80 13.71
N ALA B 140 -12.87 11.37 12.48
CA ALA B 140 -13.95 10.79 11.69
C ALA B 140 -14.56 9.55 12.35
N GLU B 141 -15.89 9.51 12.35
CA GLU B 141 -16.63 8.40 12.92
C GLU B 141 -16.45 7.08 12.20
N GLU B 142 -16.44 7.13 10.88
CA GLU B 142 -16.51 5.92 10.06
C GLU B 142 -15.50 5.93 8.93
N TYR B 143 -15.19 4.75 8.42
CA TYR B 143 -14.31 4.65 7.26
C TYR B 143 -15.04 5.18 6.03
N ALA B 144 -14.28 5.65 5.04
CA ALA B 144 -14.88 6.13 3.81
C ALA B 144 -15.49 4.96 3.03
N SER B 145 -16.55 5.25 2.28
CA SER B 145 -17.18 4.23 1.45
C SER B 145 -16.46 4.14 0.11
N PHE B 146 -16.40 5.26 -0.59
CA PHE B 146 -15.65 5.34 -1.85
C PHE B 146 -14.15 5.43 -1.58
N LEU B 147 -13.36 4.87 -2.49
CA LEU B 147 -11.91 4.93 -2.37
C LEU B 147 -11.43 6.37 -2.52
N GLN B 148 -10.61 6.81 -1.56
CA GLN B 148 -10.06 8.16 -1.60
C GLN B 148 -8.60 8.13 -2.05
N GLU B 149 -8.22 9.09 -2.88
CA GLU B 149 -6.83 9.20 -3.32
C GLU B 149 -6.34 10.62 -3.17
N ALA B 150 -5.05 10.77 -2.87
CA ALA B 150 -4.47 12.09 -2.68
C ALA B 150 -3.03 12.15 -3.19
N GLN B 151 -2.66 13.29 -3.75
CA GLN B 151 -1.32 13.51 -4.25
C GLN B 151 -0.41 14.04 -3.14
N VAL B 152 0.71 13.35 -2.91
CA VAL B 152 1.66 13.75 -1.89
C VAL B 152 3.09 13.63 -2.39
N PRO B 153 3.97 14.54 -1.97
CA PRO B 153 5.38 14.49 -2.37
C PRO B 153 6.22 13.58 -1.49
N PHE B 154 7.19 12.91 -2.08
CA PHE B 154 8.09 12.06 -1.30
C PHE B 154 8.95 12.94 -0.42
N LEU B 155 9.26 12.45 0.77
CA LEU B 155 10.08 13.24 1.68
C LEU B 155 11.37 12.51 2.07
N SER B 156 12.48 13.21 2.00
CA SER B 156 13.78 12.61 2.29
C SER B 156 13.92 12.17 3.74
N LEU B 157 14.64 11.08 3.94
CA LEU B 157 14.82 10.53 5.28
C LEU B 157 15.52 11.52 6.19
N GLU B 158 16.53 12.20 5.67
CA GLU B 158 17.32 13.11 6.48
C GLU B 158 16.44 14.22 7.00
N ARG B 159 15.56 14.72 6.15
CA ARG B 159 14.56 15.70 6.55
C ARG B 159 13.54 15.08 7.50
N CYS B 160 13.15 13.85 7.20
CA CYS B 160 12.17 13.12 8.01
C CYS B 160 12.64 12.76 9.44
N SER B 161 13.87 12.28 9.55
CA SER B 161 14.37 11.84 10.82
C SER B 161 14.79 13.04 11.63
N ALA B 162 14.39 14.22 11.15
CA ALA B 162 14.69 15.47 11.83
C ALA B 162 13.91 15.56 13.12
N PRO B 163 14.47 16.30 14.07
CA PRO B 163 13.88 16.43 15.40
C PRO B 163 12.51 17.07 15.34
N ASP B 164 12.36 18.04 14.47
CA ASP B 164 11.09 18.72 14.31
C ASP B 164 9.99 17.82 13.78
N VAL B 165 10.34 16.86 12.91
CA VAL B 165 9.29 16.07 12.31
C VAL B 165 9.04 14.74 13.01
N HIS B 166 9.83 13.73 12.70
CA HIS B 166 9.64 12.43 13.33
C HIS B 166 10.83 12.01 14.13
N GLY B 167 11.95 12.66 13.86
CA GLY B 167 13.17 12.41 14.60
C GLY B 167 13.67 10.99 14.56
N SER B 168 13.99 10.47 15.74
CA SER B 168 14.60 9.16 15.90
C SER B 168 13.70 8.01 15.49
N SER B 169 12.40 8.25 15.51
CA SER B 169 11.40 7.24 15.24
C SER B 169 11.63 6.54 13.91
N ILE B 170 12.07 7.28 12.90
CA ILE B 170 12.31 6.69 11.59
C ILE B 170 13.52 5.76 11.59
N LEU B 171 13.32 4.58 11.05
CA LEU B 171 14.34 3.53 10.98
C LEU B 171 14.54 3.06 9.54
N PRO B 172 15.65 2.36 9.28
CA PRO B 172 15.87 1.76 7.95
C PRO B 172 14.69 0.90 7.50
N GLY B 173 14.29 1.06 6.24
CA GLY B 173 13.15 0.34 5.72
C GLY B 173 11.91 1.21 5.70
N MET B 174 12.05 2.43 6.23
CA MET B 174 10.95 3.37 6.32
C MET B 174 11.17 4.58 5.42
N LEU B 175 10.09 5.14 4.90
CA LEU B 175 10.14 6.38 4.14
C LEU B 175 8.95 7.26 4.45
N CYS B 176 9.06 8.56 4.19
CA CYS B 176 7.99 9.49 4.49
C CYS B 176 7.51 10.22 3.24
N ALA B 177 6.25 10.63 3.27
CA ALA B 177 5.66 11.38 2.17
C ALA B 177 4.57 12.31 2.70
N GLY B 178 4.44 13.47 2.08
CA GLY B 178 3.45 14.44 2.51
C GLY B 178 4.02 15.82 2.65
N PHE B 179 3.19 16.75 3.11
CA PHE B 179 3.61 18.13 3.24
C PHE B 179 3.83 18.44 4.70
N LEU B 180 4.97 19.02 5.02
CA LEU B 180 5.26 19.37 6.40
C LEU B 180 4.25 20.38 6.89
N GLU B 181 3.68 21.15 5.98
CA GLU B 181 2.63 22.09 6.32
C GLU B 181 1.33 21.34 6.57
N GLY B 182 1.32 20.06 6.21
CA GLY B 182 0.20 19.18 6.48
C GLY B 182 -0.99 19.36 5.53
N GLY B 183 -2.11 18.77 5.90
CA GLY B 183 -3.31 18.89 5.08
C GLY B 183 -3.65 17.63 4.33
N THR B 184 -2.66 16.99 3.72
CA THR B 184 -2.91 15.75 2.99
C THR B 184 -2.09 14.60 3.55
N ASP B 185 -2.77 13.54 3.95
CA ASP B 185 -2.07 12.40 4.54
C ASP B 185 -2.89 11.12 4.52
N ALA B 186 -2.21 10.00 4.71
CA ALA B 186 -2.88 8.74 4.99
C ALA B 186 -3.42 8.78 6.41
N CYS B 187 -4.51 8.04 6.64
CA CYS B 187 -5.24 8.06 7.91
C CYS B 187 -5.63 6.65 8.36
N GLN B 188 -5.95 6.48 9.64
CA GLN B 188 -6.16 5.15 10.17
C GLN B 188 -7.24 4.43 9.37
N GLY B 189 -6.98 3.16 9.07
CA GLY B 189 -7.79 2.41 8.13
C GLY B 189 -7.26 2.43 6.71
N ASP B 190 -6.14 3.11 6.50
CA ASP B 190 -5.44 3.14 5.23
C ASP B 190 -4.27 2.18 5.21
N SER B 191 -3.96 1.61 6.38
CA SER B 191 -2.81 0.72 6.53
C SER B 191 -2.78 -0.41 5.51
N GLY B 192 -1.60 -0.71 4.99
CA GLY B 192 -1.44 -1.75 4.00
C GLY B 192 -1.59 -1.24 2.57
N GLY B 193 -2.25 -0.10 2.43
CA GLY B 193 -2.53 0.47 1.13
C GLY B 193 -1.31 0.93 0.37
N PRO B 194 -1.49 1.26 -0.92
CA PRO B 194 -0.38 1.60 -1.82
C PRO B 194 0.05 3.07 -1.79
N LEU B 195 1.36 3.28 -1.90
CA LEU B 195 1.90 4.59 -2.21
C LEU B 195 2.60 4.49 -3.55
N VAL B 196 1.95 4.98 -4.60
CA VAL B 196 2.50 4.90 -5.94
C VAL B 196 3.15 6.22 -6.33
N CYS B 197 4.44 6.18 -6.64
CA CYS B 197 5.20 7.39 -6.90
C CYS B 197 5.78 7.42 -8.30
N GLU B 198 6.14 8.61 -8.75
CA GLU B 198 6.67 8.79 -10.10
C GLU B 198 8.08 8.22 -10.23
N ASP B 199 8.27 7.39 -11.24
CA ASP B 199 9.60 6.90 -11.60
C ASP B 199 9.84 7.11 -13.11
N GLN B 200 10.55 8.18 -13.46
CA GLN B 200 10.75 8.57 -14.86
C GLN B 200 11.55 7.52 -15.62
N ALA B 201 12.39 6.81 -14.87
CA ALA B 201 13.15 5.70 -15.46
C ALA B 201 12.25 4.58 -16.04
N ALA B 202 11.25 4.20 -15.19
CA ALA B 202 10.35 3.11 -15.54
C ALA B 202 9.52 3.42 -16.78
N GLU B 203 9.22 2.37 -17.55
CA GLU B 203 8.42 2.52 -18.76
C GLU B 203 6.96 2.84 -18.42
N ARG B 204 6.49 2.28 -17.31
CA ARG B 204 5.13 2.55 -16.84
C ARG B 204 5.08 3.87 -16.09
N ARG B 205 6.27 4.41 -15.78
CA ARG B 205 6.44 5.72 -15.14
C ARG B 205 5.88 5.80 -13.71
N LEU B 206 5.19 4.74 -13.26
CA LEU B 206 4.61 4.72 -11.92
C LEU B 206 4.80 3.37 -11.24
N THR B 207 5.44 3.38 -10.07
CA THR B 207 5.72 2.16 -9.34
C THR B 207 5.29 2.23 -7.88
N LEU B 208 4.99 1.07 -7.30
CA LEU B 208 4.67 0.97 -5.88
C LEU B 208 5.94 1.17 -5.06
N GLN B 209 6.05 2.30 -4.38
CA GLN B 209 7.27 2.59 -3.64
C GLN B 209 7.06 2.66 -2.14
N GLY B 210 5.79 2.56 -1.70
CA GLY B 210 5.49 2.61 -0.29
C GLY B 210 4.26 1.84 0.14
N ILE B 211 4.33 1.28 1.34
CA ILE B 211 3.17 0.66 1.98
C ILE B 211 2.76 1.52 3.16
N ILE B 212 1.49 1.93 3.20
CA ILE B 212 0.99 2.76 4.29
C ILE B 212 1.18 2.06 5.63
N SER B 213 1.95 2.67 6.52
CA SER B 213 2.34 2.03 7.77
C SER B 213 1.80 2.75 9.01
N TRP B 214 2.33 3.94 9.28
CA TRP B 214 1.92 4.67 10.48
C TRP B 214 2.15 6.18 10.40
N GLY B 215 1.81 6.86 11.48
CA GLY B 215 1.98 8.30 11.59
C GLY B 215 1.33 8.83 12.86
N SER B 216 1.34 10.14 13.01
CA SER B 216 0.72 10.75 14.18
C SER B 216 -0.30 11.80 13.75
N GLY B 217 -1.57 11.46 13.93
CA GLY B 217 -2.67 12.32 13.55
C GLY B 217 -2.93 12.15 12.07
N CYS B 218 -3.95 12.82 11.57
CA CYS B 218 -4.17 12.86 10.14
C CYS B 218 -3.89 14.28 9.66
N GLY B 219 -2.92 14.41 8.77
CA GLY B 219 -2.67 15.67 8.12
C GLY B 219 -2.05 16.76 8.97
N ASP B 220 -1.61 16.41 10.17
CA ASP B 220 -1.03 17.38 11.09
C ASP B 220 0.27 17.94 10.54
N ARG B 221 0.52 19.22 10.82
CA ARG B 221 1.71 19.87 10.30
C ARG B 221 2.98 19.25 10.85
N ASN B 222 3.94 19.00 9.97
CA ASN B 222 5.24 18.51 10.37
C ASN B 222 5.19 17.05 10.79
N LYS B 223 4.07 16.40 10.51
CA LYS B 223 3.90 15.01 10.85
C LYS B 223 3.38 14.24 9.66
N PRO B 224 4.27 14.02 8.70
CA PRO B 224 3.94 13.30 7.48
C PRO B 224 3.75 11.83 7.77
N GLY B 225 3.01 11.15 6.91
CA GLY B 225 2.79 9.73 7.05
C GLY B 225 4.07 8.94 6.85
N VAL B 226 4.19 7.83 7.55
CA VAL B 226 5.35 6.97 7.43
C VAL B 226 4.99 5.70 6.70
N TYR B 227 5.81 5.33 5.73
CA TYR B 227 5.51 4.17 4.90
C TYR B 227 6.65 3.17 4.93
N THR B 228 6.36 1.93 4.55
CA THR B 228 7.41 0.93 4.37
C THR B 228 8.06 1.13 3.00
N ASP B 229 9.39 1.22 2.99
CA ASP B 229 10.13 1.44 1.75
C ASP B 229 10.23 0.15 0.96
N VAL B 230 9.33 -0.02 -0.01
CA VAL B 230 9.25 -1.24 -0.81
C VAL B 230 10.58 -1.56 -1.50
N ALA B 231 11.26 -0.52 -1.98
CA ALA B 231 12.53 -0.68 -2.67
C ALA B 231 13.60 -1.30 -1.77
N TYR B 232 13.47 -1.06 -0.47
CA TYR B 232 14.42 -1.59 0.51
C TYR B 232 14.26 -3.09 0.68
N TYR B 233 13.12 -3.62 0.27
CA TYR B 233 12.81 -5.04 0.49
C TYR B 233 12.61 -5.84 -0.79
N LEU B 234 13.18 -5.37 -1.89
CA LEU B 234 12.99 -6.04 -3.16
C LEU B 234 13.54 -7.45 -3.13
N ALA B 235 14.71 -7.61 -2.53
CA ALA B 235 15.31 -8.93 -2.40
C ALA B 235 14.44 -9.85 -1.56
N TRP B 236 13.86 -9.31 -0.49
CA TRP B 236 12.98 -10.08 0.38
C TRP B 236 11.70 -10.47 -0.34
N ILE B 237 11.17 -9.54 -1.13
CA ILE B 237 9.97 -9.79 -1.91
C ILE B 237 10.24 -10.80 -3.01
N ARG B 238 11.37 -10.64 -3.69
CA ARG B 238 11.77 -11.58 -4.73
C ARG B 238 11.88 -12.97 -4.13
N GLU B 239 12.57 -13.05 -2.99
CA GLU B 239 12.87 -14.32 -2.37
C GLU B 239 11.63 -15.10 -1.94
N HIS B 240 10.67 -14.42 -1.35
CA HIS B 240 9.49 -15.10 -0.86
C HIS B 240 8.34 -15.08 -1.81
N THR B 241 8.38 -14.14 -2.75
CA THR B 241 7.44 -14.13 -3.85
C THR B 241 7.61 -15.33 -4.76
N VAL B 242 8.87 -15.70 -4.99
CA VAL B 242 9.20 -16.77 -5.90
C VAL B 242 8.61 -18.08 -5.42
N SER B 243 8.64 -18.29 -4.10
CA SER B 243 8.05 -19.48 -3.53
C SER B 243 7.13 -20.14 -4.54
C1 NAG C . -17.61 -7.52 3.08
C2 NAG C . -17.04 -8.48 2.06
C3 NAG C . -17.33 -9.92 2.45
C4 NAG C . -16.82 -10.16 3.86
C5 NAG C . -17.40 -9.12 4.81
C6 NAG C . -16.86 -9.35 6.20
C7 NAG C . -17.00 -7.45 -0.10
C8 NAG C . -15.50 -7.45 0.02
N2 NAG C . -17.63 -8.22 0.76
O3 NAG C . -16.68 -10.80 1.54
O4 NAG C . -17.45 -11.45 3.92
O5 NAG C . -17.06 -7.82 4.36
O6 NAG C . -16.34 -10.67 6.30
O7 NAG C . -17.59 -6.79 -0.92
C1 NAG C . -16.79 -12.67 3.53
C2 NAG C . -16.99 -13.70 4.61
C3 NAG C . -16.42 -15.04 4.19
C4 NAG C . -16.93 -15.44 2.82
C5 NAG C . -16.75 -14.30 1.83
C6 NAG C . -17.35 -14.65 0.46
C7 NAG C . -16.04 -14.14 6.77
C8 NAG C . -15.23 -13.61 7.92
N2 NAG C . -16.34 -13.26 5.83
O3 NAG C . -16.79 -16.04 5.15
O5 NAG C . -17.37 -13.13 2.31
O6 NAG C . -17.24 -16.04 0.20
O7 NAG C . -16.40 -15.30 6.70
C1 BEN D . -1.27 7.23 9.48
C2 BEN D . -2.16 6.93 10.51
C3 BEN D . -2.66 5.63 10.64
C4 BEN D . -2.28 4.63 9.73
C5 BEN D . -1.39 4.94 8.70
C6 BEN D . -0.88 6.25 8.57
C BEN D . -0.73 8.64 9.35
N1 BEN D . -0.86 9.49 10.35
N2 BEN D . -0.09 9.03 8.16
I IOD E . 18.19 0.23 13.64
I IOD F . 3.23 -17.04 1.89
S SO4 G . -4.51 1.16 11.17
O1 SO4 G . -4.53 2.07 12.32
O2 SO4 G . -3.27 0.39 11.19
O3 SO4 G . -5.65 0.25 11.25
O4 SO4 G . -4.60 1.94 9.95
S SO4 H . -15.56 -3.31 6.55
O1 SO4 H . -14.45 -2.60 5.89
O2 SO4 H . -15.14 -3.73 7.88
O3 SO4 H . -16.71 -2.41 6.65
O4 SO4 H . -15.93 -4.48 5.76
S SO4 I . -17.54 8.71 1.17
O1 SO4 I . -17.76 8.02 2.44
O2 SO4 I . -16.45 8.07 0.45
O3 SO4 I . -18.75 8.67 0.37
O4 SO4 I . -17.19 10.11 1.44
S SO4 J . -5.38 8.85 12.38
O1 SO4 J . -4.29 8.16 13.09
O2 SO4 J . -5.59 8.18 11.07
O3 SO4 J . -6.61 8.75 13.18
O4 SO4 J . -5.01 10.26 12.17
C1 GOL K . -19.33 2.84 -7.80
O1 GOL K . -18.46 2.95 -8.90
C2 GOL K . -20.04 1.49 -7.85
O2 GOL K . -19.52 0.70 -8.89
C3 GOL K . -19.86 0.76 -6.52
O3 GOL K . -20.14 -0.61 -6.67
#